data_1ZVP
#
_entry.id   1ZVP
#
_cell.length_a   97.224
_cell.length_b   99.561
_cell.length_c   163.433
_cell.angle_alpha   90.00
_cell.angle_beta   90.00
_cell.angle_gamma   90.00
#
_symmetry.space_group_name_H-M   'C 2 2 21'
#
loop_
_entity.id
_entity.type
_entity.pdbx_description
1 polymer 'hypothetical protein VC0802'
2 water water
#
_entity_poly.entity_id   1
_entity_poly.type   'polypeptide(L)'
_entity_poly.pdbx_seq_one_letter_code
;GMSGIKSLELLLQSMSPELMAGDYVFCTVNGALSDYLSLEPIATFREPEGLTLVLEAEKAQQAGLESSALFSLITLTVHS
SLEAVGLTAAFATKLAEHGISANVIAGYYHDHIFVQKEKAQQALQALGEFAQA
;
_entity_poly.pdbx_strand_id   A,B,C,D
#
# COMPACT_ATOMS: atom_id res chain seq x y z
N SER A 3 21.76 21.35 -3.29
CA SER A 3 21.64 19.87 -3.12
C SER A 3 20.96 19.49 -1.78
N GLY A 4 20.85 20.47 -0.88
CA GLY A 4 20.04 20.35 0.35
C GLY A 4 18.57 20.70 0.10
N ILE A 5 18.36 21.61 -0.86
CA ILE A 5 17.03 21.98 -1.40
C ILE A 5 16.33 20.80 -2.05
N LYS A 6 16.99 20.28 -3.10
CA LYS A 6 16.39 19.38 -4.08
C LYS A 6 16.31 17.92 -3.59
N SER A 7 16.93 17.65 -2.44
CA SER A 7 16.85 16.33 -1.83
C SER A 7 15.46 16.05 -1.26
N LEU A 8 14.69 17.10 -0.98
CA LEU A 8 13.29 16.96 -0.56
C LEU A 8 12.36 16.66 -1.73
N GLU A 9 12.61 17.33 -2.86
CA GLU A 9 11.84 17.11 -4.09
C GLU A 9 12.02 15.69 -4.61
N LEU A 10 13.21 15.14 -4.39
CA LEU A 10 13.54 13.75 -4.68
C LEU A 10 12.79 12.79 -3.78
N LEU A 11 12.70 13.13 -2.50
CA LEU A 11 11.98 12.32 -1.52
C LEU A 11 10.49 12.28 -1.82
N LEU A 12 9.94 13.44 -2.20
CA LEU A 12 8.53 13.57 -2.52
C LEU A 12 8.15 12.82 -3.80
N GLN A 13 9.05 12.77 -4.76
CA GLN A 13 8.84 12.04 -6.02
C GLN A 13 8.75 10.53 -5.82
N SER A 14 9.33 10.06 -4.71
CA SER A 14 9.36 8.64 -4.37
C SER A 14 8.18 8.25 -3.49
N MET A 15 7.30 9.21 -3.23
CA MET A 15 6.17 9.02 -2.33
C MET A 15 5.07 8.22 -3.02
N SER A 16 4.48 7.29 -2.28
CA SER A 16 3.51 6.36 -2.84
C SER A 16 2.36 6.07 -1.86
N PRO A 17 1.18 6.66 -2.12
CA PRO A 17 -0.03 6.44 -1.31
C PRO A 17 -0.73 5.11 -1.62
N GLU A 18 -1.31 4.49 -0.59
CA GLU A 18 -2.01 3.23 -0.71
C GLU A 18 -3.30 3.28 0.06
N LEU A 19 -4.44 3.36 -0.63
CA LEU A 19 -5.72 3.34 0.07
C LEU A 19 -5.97 1.93 0.62
N MET A 20 -6.21 1.81 1.92
CA MET A 20 -6.46 0.51 2.52
C MET A 20 -7.96 0.21 2.64
N ALA A 21 -8.29 -1.04 2.97
CA ALA A 21 -9.68 -1.46 3.12
C ALA A 21 -10.22 -1.02 4.49
N GLY A 22 -11.55 -0.96 4.61
CA GLY A 22 -12.19 -0.75 5.89
C GLY A 22 -12.60 0.69 6.15
N ASP A 23 -13.72 0.85 6.83
CA ASP A 23 -14.19 2.15 7.30
C ASP A 23 -13.78 2.30 8.75
N TYR A 24 -13.26 3.46 9.10
CA TYR A 24 -12.75 3.68 10.43
C TYR A 24 -13.46 4.82 11.07
N VAL A 25 -13.49 4.78 12.40
CA VAL A 25 -14.02 5.86 13.20
C VAL A 25 -13.09 6.12 14.37
N PHE A 26 -13.04 7.38 14.81
CA PHE A 26 -12.37 7.77 16.06
C PHE A 26 -13.38 7.78 17.17
N CYS A 27 -13.06 7.07 18.26
CA CYS A 27 -13.87 7.10 19.48
C CYS A 27 -12.98 7.54 20.62
N THR A 28 -13.61 8.07 21.65
CA THR A 28 -12.93 8.33 22.91
C THR A 28 -13.69 7.59 24.00
N VAL A 29 -12.98 6.77 24.78
CA VAL A 29 -13.62 6.00 25.86
C VAL A 29 -12.93 6.26 27.19
N ASN A 30 -13.60 5.88 28.28
CA ASN A 30 -13.00 5.92 29.61
C ASN A 30 -12.86 4.51 30.14
N GLY A 31 -11.62 4.10 30.36
CA GLY A 31 -11.37 2.77 30.88
C GLY A 31 -9.94 2.35 30.62
N ALA A 32 -9.60 1.17 31.12
CA ALA A 32 -8.32 0.56 30.84
C ALA A 32 -8.29 0.07 29.40
N LEU A 33 -7.12 0.15 28.78
CA LEU A 33 -6.93 -0.38 27.43
C LEU A 33 -7.37 -1.86 27.37
N SER A 34 -7.15 -2.61 28.45
CA SER A 34 -7.53 -4.03 28.51
C SER A 34 -9.02 -4.30 28.27
N ASP A 35 -9.87 -3.34 28.64
CA ASP A 35 -11.34 -3.48 28.47
C ASP A 35 -11.83 -3.42 27.03
N TYR A 36 -10.95 -2.99 26.13
CA TYR A 36 -11.33 -2.70 24.75
C TYR A 36 -10.51 -3.52 23.76
N LEU A 37 -9.84 -4.56 24.26
CA LEU A 37 -9.04 -5.44 23.41
C LEU A 37 -9.86 -6.24 22.40
N SER A 38 -11.06 -6.68 22.81
CA SER A 38 -11.92 -7.50 21.94
C SER A 38 -12.45 -6.70 20.74
N LEU A 39 -12.42 -5.38 20.85
CA LEU A 39 -12.80 -4.48 19.75
C LEU A 39 -11.76 -4.45 18.62
N GLU A 40 -10.56 -4.93 18.91
CA GLU A 40 -9.43 -5.00 17.95
C GLU A 40 -9.18 -3.67 17.23
N PRO A 41 -8.84 -2.61 17.99
CA PRO A 41 -8.63 -1.32 17.34
C PRO A 41 -7.34 -1.28 16.56
N ILE A 42 -7.35 -0.62 15.41
CA ILE A 42 -6.14 -0.47 14.58
C ILE A 42 -5.12 0.47 15.24
N ALA A 43 -5.62 1.38 16.08
CA ALA A 43 -4.82 2.41 16.72
C ALA A 43 -5.38 2.80 18.07
N THR A 44 -4.49 3.29 18.92
CA THR A 44 -4.75 3.57 20.32
C THR A 44 -3.92 4.80 20.70
N PHE A 45 -4.52 5.74 21.43
CA PHE A 45 -3.75 6.81 22.07
C PHE A 45 -4.36 7.15 23.42
N ARG A 46 -3.55 7.13 24.45
CA ARG A 46 -3.99 7.53 25.79
C ARG A 46 -3.86 9.06 25.95
N GLU A 47 -4.98 9.78 25.81
CA GLU A 47 -5.04 11.22 26.05
C GLU A 47 -5.40 11.46 27.52
N PRO A 48 -5.00 12.60 28.11
CA PRO A 48 -5.52 12.88 29.45
C PRO A 48 -7.06 12.87 29.57
N GLU A 49 -7.76 13.15 28.46
CA GLU A 49 -9.23 13.15 28.45
C GLU A 49 -9.82 11.75 28.34
N GLY A 50 -9.00 10.77 27.98
CA GLY A 50 -9.44 9.37 27.86
C GLY A 50 -8.80 8.65 26.69
N LEU A 51 -8.99 7.33 26.63
CA LEU A 51 -8.42 6.49 25.57
C LEU A 51 -9.04 6.79 24.20
N THR A 52 -8.19 7.16 23.25
CA THR A 52 -8.60 7.20 21.84
C THR A 52 -8.54 5.80 21.26
N LEU A 53 -9.65 5.36 20.69
CA LEU A 53 -9.68 4.14 19.88
C LEU A 53 -9.95 4.49 18.44
N VAL A 54 -9.12 3.97 17.54
CA VAL A 54 -9.43 4.03 16.11
C VAL A 54 -9.81 2.62 15.68
N LEU A 55 -11.07 2.42 15.31
CA LEU A 55 -11.55 1.07 15.01
C LEU A 55 -12.53 1.04 13.84
N GLU A 56 -12.71 -0.15 13.29
CA GLU A 56 -13.68 -0.36 12.22
C GLU A 56 -15.08 0.05 12.64
N ALA A 57 -15.73 0.85 11.80
CA ALA A 57 -17.05 1.42 12.10
C ALA A 57 -18.08 0.36 12.44
N GLU A 58 -17.93 -0.81 11.83
CA GLU A 58 -18.69 -2.00 12.15
C GLU A 58 -18.63 -2.26 13.66
N LYS A 59 -17.43 -2.49 14.18
CA LYS A 59 -17.18 -2.78 15.60
C LYS A 59 -17.68 -1.69 16.56
N ALA A 60 -17.48 -0.42 16.18
CA ALA A 60 -17.89 0.72 16.98
C ALA A 60 -19.38 0.71 17.27
N GLN A 61 -20.20 0.48 16.25
CA GLN A 61 -21.64 0.44 16.45
C GLN A 61 -22.18 -0.88 17.04
N GLN A 62 -21.45 -1.99 16.83
CA GLN A 62 -21.75 -3.28 17.49
C GLN A 62 -21.55 -3.18 19.00
N ALA A 63 -20.63 -2.31 19.43
CA ALA A 63 -20.40 -2.05 20.84
C ALA A 63 -21.10 -0.75 21.25
N GLY A 64 -21.86 -0.18 20.32
CA GLY A 64 -22.63 1.04 20.55
C GLY A 64 -21.86 2.21 21.14
N LEU A 65 -20.69 2.50 20.57
CA LEU A 65 -19.90 3.67 20.98
C LEU A 65 -20.27 4.87 20.12
N GLU A 66 -20.42 6.03 20.77
CA GLU A 66 -20.59 7.30 20.04
C GLU A 66 -19.26 7.68 19.38
N SER A 67 -19.23 7.59 18.05
CA SER A 67 -17.98 7.65 17.30
C SER A 67 -17.76 9.00 16.60
N SER A 68 -17.51 8.92 15.29
CA SER A 68 -17.27 10.09 14.47
C SER A 68 -17.79 9.82 13.06
N ALA A 69 -17.52 10.74 12.15
CA ALA A 69 -17.70 10.50 10.73
C ALA A 69 -16.88 9.28 10.32
N LEU A 70 -17.24 8.65 9.20
CA LEU A 70 -16.39 7.58 8.66
C LEU A 70 -15.10 8.12 8.03
N PHE A 71 -14.00 7.42 8.26
CA PHE A 71 -12.72 7.72 7.68
C PHE A 71 -12.19 6.55 6.84
N SER A 72 -11.37 6.86 5.85
CA SER A 72 -10.58 5.85 5.15
C SER A 72 -9.09 5.98 5.54
N LEU A 73 -8.33 4.91 5.38
CA LEU A 73 -6.92 4.88 5.76
C LEU A 73 -6.02 4.85 4.52
N ILE A 74 -5.09 5.81 4.45
CA ILE A 74 -4.08 5.81 3.42
C ILE A 74 -2.73 5.63 4.10
N THR A 75 -2.03 4.57 3.74
CA THR A 75 -0.67 4.37 4.19
C THR A 75 0.23 5.12 3.23
N LEU A 76 1.20 5.85 3.79
CA LEU A 76 2.10 6.64 2.98
C LEU A 76 3.48 6.02 3.01
N THR A 77 4.00 5.68 1.82
CA THR A 77 5.34 5.12 1.73
C THR A 77 6.27 6.06 0.96
N VAL A 78 7.54 6.05 1.33
CA VAL A 78 8.59 6.81 0.63
C VAL A 78 9.72 5.86 0.29
N HIS A 79 10.32 6.05 -0.89
CA HIS A 79 11.24 5.06 -1.44
C HIS A 79 12.60 5.61 -1.92
N SER A 80 13.46 6.16 -1.04
CA SER A 80 13.27 6.35 0.41
C SER A 80 14.26 7.39 0.94
N GLU A 83 16.55 10.61 2.46
CA GLU A 83 15.51 11.17 3.35
C GLU A 83 15.86 12.56 3.98
N ALA A 84 14.83 13.40 4.18
CA ALA A 84 14.96 14.81 4.59
C ALA A 84 13.73 15.27 5.44
N VAL A 85 13.70 16.56 5.81
CA VAL A 85 12.55 17.12 6.57
C VAL A 85 11.56 17.90 5.69
N GLY A 86 10.27 17.77 5.97
CA GLY A 86 9.24 18.43 5.18
C GLY A 86 8.22 17.50 4.54
N LEU A 87 8.36 16.20 4.78
CA LEU A 87 7.47 15.20 4.20
C LEU A 87 6.02 15.39 4.63
N THR A 88 5.80 15.52 5.94
CA THR A 88 4.45 15.71 6.51
C THR A 88 3.82 17.02 6.03
N ALA A 89 4.62 18.10 6.03
CA ALA A 89 4.15 19.39 5.55
C ALA A 89 3.65 19.28 4.11
N ALA A 90 4.42 18.57 3.28
CA ALA A 90 4.10 18.39 1.85
C ALA A 90 2.81 17.62 1.58
N PHE A 91 2.66 16.43 2.16
CA PHE A 91 1.45 15.67 1.87
C PHE A 91 0.20 16.27 2.51
N ALA A 92 0.36 16.91 3.67
CA ALA A 92 -0.75 17.57 4.36
C ALA A 92 -1.18 18.84 3.63
N THR A 93 -0.22 19.57 3.08
CA THR A 93 -0.49 20.75 2.25
C THR A 93 -1.25 20.37 0.97
N LYS A 94 -0.79 19.30 0.30
CA LYS A 94 -1.46 18.80 -0.90
C LYS A 94 -2.91 18.44 -0.62
N LEU A 95 -3.14 17.76 0.51
CA LEU A 95 -4.49 17.40 0.90
C LEU A 95 -5.31 18.62 1.29
N ALA A 96 -4.69 19.58 1.99
CA ALA A 96 -5.36 20.83 2.38
C ALA A 96 -5.86 21.62 1.17
N GLU A 97 -5.06 21.66 0.11
CA GLU A 97 -5.42 22.33 -1.14
C GLU A 97 -6.65 21.75 -1.82
N HIS A 98 -6.98 20.50 -1.51
CA HIS A 98 -8.19 19.86 -2.03
C HIS A 98 -9.34 19.84 -1.02
N GLY A 99 -9.22 20.63 0.05
CA GLY A 99 -10.20 20.66 1.12
C GLY A 99 -10.31 19.33 1.85
N ILE A 100 -9.18 18.63 2.00
CA ILE A 100 -9.15 17.34 2.68
C ILE A 100 -8.33 17.47 3.96
N SER A 101 -8.94 17.08 5.08
CA SER A 101 -8.23 17.11 6.36
C SER A 101 -7.47 15.79 6.55
N ALA A 102 -6.26 15.88 7.10
CA ALA A 102 -5.40 14.72 7.27
C ALA A 102 -5.28 14.48 8.76
N ASN A 103 -5.73 13.31 9.21
CA ASN A 103 -5.49 12.93 10.58
C ASN A 103 -4.42 11.88 10.59
N VAL A 104 -3.19 12.28 10.88
CA VAL A 104 -2.08 11.33 10.79
C VAL A 104 -1.73 10.60 12.09
N ILE A 105 -1.51 9.30 11.94
CA ILE A 105 -0.96 8.48 13.03
C ILE A 105 0.34 7.88 12.52
N ALA A 106 1.45 8.31 13.09
CA ALA A 106 2.76 7.73 12.78
C ALA A 106 2.87 6.33 13.38
N GLY A 107 3.06 5.33 12.52
CA GLY A 107 3.39 3.98 12.98
C GLY A 107 4.91 3.84 12.96
N TYR A 108 5.41 2.67 13.34
CA TYR A 108 6.85 2.42 13.28
C TYR A 108 7.42 2.50 11.85
N TYR A 109 6.80 1.80 10.90
CA TYR A 109 7.27 1.76 9.51
C TYR A 109 6.71 2.88 8.62
N HIS A 110 5.42 3.18 8.78
CA HIS A 110 4.76 4.14 7.91
C HIS A 110 3.91 5.19 8.63
N ASP A 111 3.74 6.33 7.95
CA ASP A 111 2.72 7.31 8.26
C ASP A 111 1.36 6.79 7.79
N HIS A 112 0.35 6.92 8.62
CA HIS A 112 -0.98 6.48 8.25
C HIS A 112 -1.91 7.67 8.31
N ILE A 113 -2.60 7.95 7.22
CA ILE A 113 -3.45 9.13 7.12
C ILE A 113 -4.93 8.73 7.11
N PHE A 114 -5.70 9.31 8.03
CA PHE A 114 -7.14 9.12 8.02
C PHE A 114 -7.84 10.32 7.38
N VAL A 115 -8.51 10.08 6.27
CA VAL A 115 -9.26 11.11 5.56
C VAL A 115 -10.75 10.76 5.55
N GLN A 116 -11.60 11.77 5.41
CA GLN A 116 -13.05 11.57 5.24
C GLN A 116 -13.30 10.50 4.19
N LYS A 117 -14.25 9.61 4.47
CA LYS A 117 -14.57 8.50 3.57
C LYS A 117 -15.01 9.01 2.19
N GLU A 118 -15.88 10.03 2.19
CA GLU A 118 -16.34 10.69 0.95
C GLU A 118 -15.21 11.29 0.09
N LYS A 119 -14.05 11.54 0.71
CA LYS A 119 -12.93 12.23 0.06
C LYS A 119 -11.73 11.34 -0.17
N ALA A 120 -11.90 10.04 0.06
CA ALA A 120 -10.81 9.06 0.02
C ALA A 120 -10.20 8.88 -1.36
N GLN A 121 -11.06 8.87 -2.38
CA GLN A 121 -10.62 8.66 -3.74
C GLN A 121 -9.89 9.91 -4.23
N GLN A 122 -10.44 11.07 -3.88
CA GLN A 122 -9.85 12.39 -4.12
C GLN A 122 -8.46 12.55 -3.49
N ALA A 123 -8.31 12.00 -2.29
CA ALA A 123 -7.08 12.10 -1.53
C ALA A 123 -5.98 11.23 -2.13
N LEU A 124 -6.35 10.02 -2.55
CA LEU A 124 -5.44 9.09 -3.22
C LEU A 124 -4.90 9.66 -4.53
N GLN A 125 -5.78 10.24 -5.35
CA GLN A 125 -5.36 10.85 -6.61
C GLN A 125 -4.45 12.07 -6.39
N ALA A 126 -4.79 12.91 -5.40
CA ALA A 126 -3.99 14.07 -5.03
C ALA A 126 -2.61 13.69 -4.53
N LEU A 127 -2.51 12.67 -3.69
CA LEU A 127 -1.23 12.21 -3.19
C LEU A 127 -0.41 11.48 -4.27
N GLY A 128 -1.11 10.85 -5.21
CA GLY A 128 -0.48 10.19 -6.37
C GLY A 128 0.13 11.11 -7.41
N GLU A 129 -0.06 12.42 -7.24
CA GLU A 129 0.50 13.43 -8.13
C GLU A 129 1.99 13.63 -7.93
N PHE A 130 2.49 13.22 -6.78
CA PHE A 130 3.89 13.44 -6.43
C PHE A 130 4.86 12.59 -7.25
N ALA A 131 4.48 11.34 -7.55
CA ALA A 131 5.33 10.40 -8.28
C ALA A 131 5.33 10.63 -9.80
N GLN A 132 5.41 11.90 -10.20
CA GLN A 132 5.42 12.32 -11.60
C GLN A 132 6.25 13.59 -11.81
N SER B 3 -2.87 -30.00 7.32
CA SER B 3 -1.88 -29.01 7.82
C SER B 3 -1.40 -28.08 6.71
N GLY B 4 -1.81 -28.39 5.48
CA GLY B 4 -1.51 -27.56 4.31
C GLY B 4 -2.39 -26.33 4.26
N ILE B 5 -3.68 -26.54 4.51
CA ILE B 5 -4.67 -25.47 4.69
C ILE B 5 -4.29 -24.56 5.87
N LYS B 6 -3.75 -25.17 6.93
CA LYS B 6 -3.27 -24.46 8.13
C LYS B 6 -2.21 -23.41 7.77
N SER B 7 -1.29 -23.77 6.88
CA SER B 7 -0.16 -22.91 6.51
C SER B 7 -0.55 -21.87 5.46
N LEU B 8 -1.52 -22.21 4.62
CA LEU B 8 -2.08 -21.28 3.65
C LEU B 8 -3.02 -20.30 4.33
N GLU B 9 -3.81 -20.81 5.27
CA GLU B 9 -4.77 -19.99 6.02
C GLU B 9 -4.06 -18.88 6.81
N LEU B 10 -2.86 -19.16 7.32
CA LEU B 10 -2.03 -18.18 8.01
C LEU B 10 -1.42 -17.15 7.07
N LEU B 11 -1.00 -17.62 5.91
CA LEU B 11 -0.45 -16.77 4.86
C LEU B 11 -1.52 -15.79 4.36
N LEU B 12 -2.76 -16.28 4.21
CA LEU B 12 -3.88 -15.48 3.70
C LEU B 12 -4.32 -14.40 4.67
N GLN B 13 -4.26 -14.67 5.96
CA GLN B 13 -4.67 -13.68 6.96
C GLN B 13 -3.63 -12.58 7.16
N SER B 14 -2.48 -12.71 6.50
CA SER B 14 -1.48 -11.66 6.48
C SER B 14 -1.53 -10.83 5.19
N MET B 15 -2.49 -11.15 4.32
CA MET B 15 -2.67 -10.44 3.05
C MET B 15 -3.22 -9.06 3.31
N SER B 16 -2.58 -8.07 2.69
CA SER B 16 -2.90 -6.66 2.87
C SER B 16 -3.00 -5.99 1.49
N PRO B 17 -4.23 -5.76 1.01
CA PRO B 17 -4.47 -5.07 -0.26
C PRO B 17 -4.27 -3.54 -0.19
N GLU B 18 -3.71 -2.98 -1.26
CA GLU B 18 -3.39 -1.55 -1.33
C GLU B 18 -3.90 -0.97 -2.63
N LEU B 19 -5.02 -0.24 -2.60
CA LEU B 19 -5.51 0.43 -3.79
C LEU B 19 -4.62 1.64 -4.13
N MET B 20 -4.03 1.64 -5.33
CA MET B 20 -3.11 2.70 -5.72
C MET B 20 -3.80 3.75 -6.58
N ALA B 21 -3.11 4.88 -6.79
CA ALA B 21 -3.68 5.97 -7.57
C ALA B 21 -3.57 5.67 -9.06
N GLY B 22 -4.50 6.24 -9.84
CA GLY B 22 -4.37 6.24 -11.29
C GLY B 22 -5.33 5.30 -11.96
N ASP B 23 -5.78 5.68 -13.15
CA ASP B 23 -6.58 4.83 -14.02
C ASP B 23 -5.65 4.25 -15.08
N TYR B 24 -5.77 2.95 -15.33
CA TYR B 24 -4.86 2.26 -16.23
C TYR B 24 -5.61 1.57 -17.32
N VAL B 25 -5.00 1.53 -18.50
CA VAL B 25 -5.55 0.79 -19.62
C VAL B 25 -4.49 -0.16 -20.15
N PHE B 26 -4.93 -1.24 -20.78
CA PHE B 26 -4.06 -2.17 -21.50
C PHE B 26 -4.11 -1.88 -23.00
N CYS B 27 -2.94 -1.72 -23.61
CA CYS B 27 -2.86 -1.51 -25.06
C CYS B 27 -2.01 -2.59 -25.68
N THR B 28 -2.25 -2.84 -26.95
CA THR B 28 -1.36 -3.69 -27.74
C THR B 28 -0.87 -2.88 -28.93
N VAL B 29 0.45 -2.82 -29.09
CA VAL B 29 1.08 -2.03 -30.14
C VAL B 29 2.09 -2.85 -30.94
N ASN B 30 2.42 -2.38 -32.13
CA ASN B 30 3.48 -2.99 -32.93
C ASN B 30 4.70 -2.10 -32.99
N GLY B 31 5.88 -2.71 -33.01
CA GLY B 31 7.13 -1.96 -32.95
C GLY B 31 7.88 -2.10 -31.64
N ALA B 32 9.06 -1.49 -31.60
CA ALA B 32 10.00 -1.64 -30.51
C ALA B 32 9.55 -0.93 -29.24
N LEU B 33 9.99 -1.44 -28.10
CA LEU B 33 9.68 -0.85 -26.81
C LEU B 33 10.19 0.60 -26.71
N SER B 34 11.31 0.88 -27.36
CA SER B 34 11.93 2.22 -27.35
C SER B 34 11.03 3.33 -27.90
N ASP B 35 10.11 2.96 -28.79
CA ASP B 35 9.14 3.90 -29.39
C ASP B 35 8.10 4.42 -28.41
N TYR B 36 7.92 3.72 -27.29
CA TYR B 36 6.81 3.96 -26.38
C TYR B 36 7.25 4.42 -25.00
N LEU B 37 8.56 4.57 -24.83
CA LEU B 37 9.15 5.01 -23.58
C LEU B 37 8.62 6.36 -23.09
N SER B 38 8.34 7.27 -24.04
CA SER B 38 7.85 8.62 -23.70
C SER B 38 6.50 8.56 -23.00
N LEU B 39 5.79 7.44 -23.19
CA LEU B 39 4.49 7.21 -22.54
C LEU B 39 4.61 6.68 -21.09
N GLU B 40 5.83 6.34 -20.68
CA GLU B 40 6.10 5.66 -19.40
C GLU B 40 5.08 4.59 -19.02
N PRO B 41 5.11 3.45 -19.73
CA PRO B 41 4.25 2.35 -19.34
C PRO B 41 4.59 1.88 -17.93
N ILE B 42 3.59 1.57 -17.13
CA ILE B 42 3.82 0.98 -15.80
C ILE B 42 4.23 -0.49 -15.91
N ALA B 43 3.74 -1.15 -16.96
CA ALA B 43 4.08 -2.53 -17.29
C ALA B 43 4.18 -2.72 -18.79
N THR B 44 5.06 -3.64 -19.21
CA THR B 44 5.11 -4.11 -20.60
C THR B 44 5.20 -5.64 -20.66
N PHE B 45 4.70 -6.21 -21.74
CA PHE B 45 4.94 -7.62 -22.07
C PHE B 45 5.00 -7.79 -23.57
N ARG B 46 6.12 -8.32 -24.05
CA ARG B 46 6.30 -8.65 -25.46
C ARG B 46 5.60 -9.97 -25.78
N GLU B 47 4.37 -9.89 -26.29
CA GLU B 47 3.60 -11.07 -26.73
C GLU B 47 3.93 -11.35 -28.20
N PRO B 48 3.74 -12.60 -28.67
CA PRO B 48 3.86 -12.86 -30.12
C PRO B 48 3.00 -11.94 -30.99
N GLU B 49 1.81 -11.61 -30.51
CA GLU B 49 0.87 -10.71 -31.22
C GLU B 49 1.29 -9.22 -31.21
N GLY B 50 2.16 -8.84 -30.27
CA GLY B 50 2.66 -7.47 -30.17
C GLY B 50 2.91 -7.03 -28.74
N LEU B 51 3.52 -5.86 -28.58
CA LEU B 51 3.86 -5.33 -27.27
C LEU B 51 2.65 -4.87 -26.48
N THR B 52 2.46 -5.47 -25.31
CA THR B 52 1.44 -5.02 -24.36
C THR B 52 2.01 -3.86 -23.56
N LEU B 53 1.27 -2.76 -23.53
CA LEU B 53 1.59 -1.62 -22.67
C LEU B 53 0.47 -1.43 -21.67
N VAL B 54 0.82 -1.36 -20.39
CA VAL B 54 -0.13 -0.89 -19.38
C VAL B 54 0.18 0.58 -19.08
N LEU B 55 -0.77 1.45 -19.40
CA LEU B 55 -0.56 2.89 -19.41
C LEU B 55 -1.55 3.61 -18.52
N GLU B 56 -1.15 4.79 -18.05
CA GLU B 56 -2.11 5.69 -17.45
C GLU B 56 -3.11 6.07 -18.51
N ALA B 57 -4.40 6.01 -18.19
CA ALA B 57 -5.47 6.23 -19.17
C ALA B 57 -5.30 7.50 -20.00
N GLU B 58 -4.82 8.57 -19.34
CA GLU B 58 -4.58 9.87 -19.99
C GLU B 58 -3.47 9.85 -21.01
N LYS B 59 -2.41 9.08 -20.76
CA LYS B 59 -1.28 9.02 -21.68
C LYS B 59 -1.59 8.18 -22.92
N ALA B 60 -2.47 7.19 -22.77
CA ALA B 60 -3.01 6.43 -23.91
C ALA B 60 -4.09 7.24 -24.64
N GLN B 61 -4.70 8.17 -23.93
CA GLN B 61 -5.82 8.95 -24.43
C GLN B 61 -5.34 9.94 -25.50
N GLN B 62 -4.49 10.89 -25.11
CA GLN B 62 -4.00 11.89 -26.07
C GLN B 62 -2.99 11.35 -27.08
N ALA B 63 -2.24 10.32 -26.70
CA ALA B 63 -1.35 9.61 -27.63
C ALA B 63 -2.12 8.67 -28.58
N GLY B 64 -3.45 8.83 -28.61
CA GLY B 64 -4.33 8.21 -29.60
C GLY B 64 -4.39 6.70 -29.65
N LEU B 65 -3.93 6.03 -28.60
CA LEU B 65 -3.89 4.57 -28.56
C LEU B 65 -5.23 3.91 -28.26
N GLU B 66 -5.57 2.89 -29.05
CA GLU B 66 -6.76 2.08 -28.78
C GLU B 66 -6.49 1.08 -27.67
N SER B 67 -7.11 1.38 -26.53
CA SER B 67 -6.85 0.71 -25.28
C SER B 67 -7.92 -0.33 -24.92
N SER B 68 -8.05 -0.60 -23.63
CA SER B 68 -9.12 -1.41 -23.07
C SER B 68 -10.01 -0.52 -22.20
N ALA B 69 -10.81 -1.13 -21.34
CA ALA B 69 -11.59 -0.41 -20.35
C ALA B 69 -10.63 0.10 -19.27
N LEU B 70 -11.11 1.03 -18.45
CA LEU B 70 -10.33 1.56 -17.32
C LEU B 70 -10.16 0.52 -16.21
N PHE B 71 -8.94 0.44 -15.69
CA PHE B 71 -8.61 -0.45 -14.60
C PHE B 71 -8.01 0.34 -13.43
N SER B 72 -8.18 -0.19 -12.22
CA SER B 72 -7.47 0.30 -11.05
C SER B 72 -6.41 -0.72 -10.65
N LEU B 73 -5.29 -0.24 -10.11
CA LEU B 73 -4.20 -1.06 -9.59
C LEU B 73 -4.37 -1.34 -8.08
N ILE B 74 -4.38 -2.62 -7.72
CA ILE B 74 -4.28 -3.05 -6.32
C ILE B 74 -2.96 -3.81 -6.13
N THR B 75 -2.11 -3.33 -5.23
CA THR B 75 -0.91 -4.05 -4.86
C THR B 75 -1.20 -5.01 -3.71
N LEU B 76 -0.72 -6.25 -3.86
CA LEU B 76 -0.92 -7.29 -2.86
C LEU B 76 0.34 -7.54 -2.03
N THR B 77 0.21 -7.33 -0.72
CA THR B 77 1.29 -7.56 0.23
C THR B 77 0.98 -8.76 1.13
N VAL B 78 2.03 -9.41 1.61
CA VAL B 78 1.93 -10.62 2.44
C VAL B 78 3.05 -10.63 3.50
N HIS B 79 2.70 -10.96 4.75
CA HIS B 79 3.58 -10.79 5.94
C HIS B 79 3.60 -12.00 6.87
N LEU B 82 5.95 -17.41 6.02
CA LEU B 82 5.57 -18.74 5.54
C LEU B 82 5.59 -18.86 4.01
N GLU B 83 6.13 -19.97 3.51
CA GLU B 83 6.27 -20.21 2.06
C GLU B 83 5.24 -21.21 1.53
N ALA B 84 4.01 -20.74 1.30
CA ALA B 84 2.89 -21.58 0.87
C ALA B 84 2.41 -21.29 -0.57
N VAL B 85 1.82 -22.31 -1.21
CA VAL B 85 1.19 -22.12 -2.52
C VAL B 85 -0.32 -21.90 -2.36
N GLY B 86 -0.89 -21.02 -3.19
CA GLY B 86 -2.33 -20.84 -3.23
C GLY B 86 -2.82 -19.41 -3.09
N LEU B 87 -1.89 -18.47 -2.93
CA LEU B 87 -2.24 -17.07 -2.74
C LEU B 87 -3.06 -16.53 -3.92
N THR B 88 -2.59 -16.77 -5.14
CA THR B 88 -3.28 -16.28 -6.32
C THR B 88 -4.64 -16.93 -6.51
N ALA B 89 -4.70 -18.25 -6.34
CA ALA B 89 -5.97 -18.99 -6.38
C ALA B 89 -6.97 -18.38 -5.40
N ALA B 90 -6.54 -18.12 -4.15
CA ALA B 90 -7.38 -17.52 -3.11
C ALA B 90 -7.87 -16.08 -3.38
N PHE B 91 -6.97 -15.15 -3.71
CA PHE B 91 -7.43 -13.77 -3.97
C PHE B 91 -8.26 -13.63 -5.25
N ALA B 92 -7.91 -14.42 -6.27
CA ALA B 92 -8.64 -14.46 -7.53
C ALA B 92 -10.03 -15.07 -7.35
N THR B 93 -10.12 -16.14 -6.54
CA THR B 93 -11.40 -16.78 -6.22
C THR B 93 -12.30 -15.82 -5.44
N LYS B 94 -11.72 -15.13 -4.46
CA LYS B 94 -12.44 -14.11 -3.71
C LYS B 94 -13.05 -13.06 -4.66
N LEU B 95 -12.23 -12.50 -5.53
CA LEU B 95 -12.69 -11.49 -6.45
C LEU B 95 -13.76 -12.00 -7.43
N ALA B 96 -13.60 -13.23 -7.94
CA ALA B 96 -14.54 -13.82 -8.89
C ALA B 96 -15.91 -14.07 -8.28
N GLU B 97 -15.93 -14.25 -6.95
CA GLU B 97 -17.17 -14.36 -6.18
C GLU B 97 -17.94 -13.05 -6.19
N HIS B 98 -17.25 -11.93 -6.35
CA HIS B 98 -17.89 -10.63 -6.48
C HIS B 98 -18.03 -10.19 -7.94
N GLY B 99 -17.87 -11.15 -8.85
CA GLY B 99 -17.88 -10.89 -10.29
C GLY B 99 -16.81 -9.90 -10.77
N ILE B 100 -15.59 -10.03 -10.26
CA ILE B 100 -14.51 -9.09 -10.58
C ILE B 100 -13.34 -9.80 -11.24
N SER B 101 -12.93 -9.29 -12.40
CA SER B 101 -11.73 -9.73 -13.11
C SER B 101 -10.48 -9.44 -12.30
N ALA B 102 -9.53 -10.37 -12.31
CA ALA B 102 -8.26 -10.17 -11.64
C ALA B 102 -7.17 -10.34 -12.67
N ASN B 103 -6.61 -9.24 -13.16
CA ASN B 103 -5.56 -9.29 -14.15
C ASN B 103 -4.22 -9.08 -13.49
N VAL B 104 -3.53 -10.18 -13.20
CA VAL B 104 -2.34 -10.16 -12.35
C VAL B 104 -1.04 -9.88 -13.12
N ILE B 105 -0.25 -8.93 -12.64
CA ILE B 105 1.15 -8.81 -13.08
C ILE B 105 2.06 -8.94 -11.88
N ALA B 106 2.93 -9.95 -11.91
CA ALA B 106 3.90 -10.13 -10.84
C ALA B 106 5.09 -9.21 -11.05
N GLY B 107 5.33 -8.37 -10.06
CA GLY B 107 6.55 -7.57 -10.00
C GLY B 107 7.58 -8.40 -9.25
N TYR B 108 8.79 -7.86 -9.12
CA TYR B 108 9.80 -8.53 -8.34
C TYR B 108 9.36 -8.68 -6.88
N TYR B 109 8.85 -7.59 -6.29
CA TYR B 109 8.44 -7.57 -4.88
C TYR B 109 7.00 -7.97 -4.60
N HIS B 110 6.06 -7.46 -5.40
CA HIS B 110 4.64 -7.70 -5.13
C HIS B 110 3.84 -8.16 -6.34
N ASP B 111 2.70 -8.77 -6.05
CA ASP B 111 1.67 -9.01 -7.04
C ASP B 111 0.90 -7.72 -7.24
N HIS B 112 0.55 -7.45 -8.50
CA HIS B 112 -0.26 -6.30 -8.84
C HIS B 112 -1.50 -6.78 -9.57
N ILE B 113 -2.66 -6.37 -9.09
CA ILE B 113 -3.91 -6.81 -9.67
C ILE B 113 -4.59 -5.64 -10.35
N PHE B 114 -4.90 -5.82 -11.62
CA PHE B 114 -5.73 -4.84 -12.32
C PHE B 114 -7.19 -5.32 -12.37
N VAL B 115 -8.07 -4.48 -11.82
CA VAL B 115 -9.48 -4.76 -11.68
C VAL B 115 -10.27 -3.64 -12.36
N GLN B 116 -11.51 -3.90 -12.75
CA GLN B 116 -12.34 -2.88 -13.39
C GLN B 116 -12.44 -1.65 -12.51
N LYS B 117 -12.16 -0.48 -13.07
CA LYS B 117 -12.17 0.78 -12.33
C LYS B 117 -13.40 0.95 -11.41
N GLU B 118 -14.58 0.62 -11.93
CA GLU B 118 -15.83 0.79 -11.19
C GLU B 118 -16.13 -0.34 -10.19
N LYS B 119 -15.24 -1.32 -10.14
CA LYS B 119 -15.33 -2.44 -9.19
C LYS B 119 -14.21 -2.38 -8.13
N ALA B 120 -13.35 -1.36 -8.24
CA ALA B 120 -12.12 -1.22 -7.45
C ALA B 120 -12.31 -1.14 -5.93
N GLN B 121 -13.35 -0.44 -5.50
CA GLN B 121 -13.65 -0.30 -4.08
C GLN B 121 -14.20 -1.61 -3.53
N GLN B 122 -15.13 -2.21 -4.26
CA GLN B 122 -15.68 -3.51 -3.91
C GLN B 122 -14.59 -4.57 -3.87
N ALA B 123 -13.61 -4.46 -4.77
CA ALA B 123 -12.46 -5.35 -4.84
C ALA B 123 -11.57 -5.26 -3.61
N LEU B 124 -11.33 -4.01 -3.20
CA LEU B 124 -10.55 -3.69 -2.03
C LEU B 124 -11.21 -4.20 -0.76
N GLN B 125 -12.51 -3.96 -0.60
CA GLN B 125 -13.24 -4.45 0.56
C GLN B 125 -13.26 -5.98 0.63
N ALA B 126 -13.45 -6.63 -0.54
CA ALA B 126 -13.46 -8.08 -0.65
C ALA B 126 -12.12 -8.69 -0.26
N LEU B 127 -11.02 -8.14 -0.78
CA LEU B 127 -9.68 -8.61 -0.42
C LEU B 127 -9.31 -8.24 1.00
N GLY B 128 -9.97 -7.21 1.53
CA GLY B 128 -9.76 -6.76 2.90
C GLY B 128 -10.35 -7.71 3.93
N GLU B 129 -11.17 -8.64 3.46
CA GLU B 129 -11.83 -9.61 4.33
C GLU B 129 -10.88 -10.68 4.88
N PHE B 130 -9.74 -10.85 4.23
CA PHE B 130 -8.77 -11.88 4.61
C PHE B 130 -8.05 -11.60 5.94
N ALA B 131 -7.71 -10.33 6.20
CA ALA B 131 -7.05 -9.95 7.44
C ALA B 131 -7.98 -9.99 8.66
N GLN B 132 -9.28 -9.83 8.41
CA GLN B 132 -10.34 -9.82 9.45
C GLN B 132 -10.56 -11.17 10.13
N GLY C 1 -26.71 -16.66 -7.47
CA GLY C 1 -27.41 -17.95 -7.22
C GLY C 1 -26.70 -19.11 -7.91
N MET C 2 -26.16 -18.85 -9.10
CA MET C 2 -25.44 -19.88 -9.86
C MET C 2 -24.02 -19.47 -10.28
N SER C 3 -23.46 -18.45 -9.64
CA SER C 3 -22.09 -17.97 -9.94
C SER C 3 -21.00 -18.97 -9.56
N GLY C 4 -21.23 -19.71 -8.48
CA GLY C 4 -20.32 -20.77 -8.04
C GLY C 4 -20.20 -21.86 -9.08
N ILE C 5 -21.33 -22.28 -9.64
CA ILE C 5 -21.36 -23.28 -10.70
C ILE C 5 -20.73 -22.73 -11.99
N LYS C 6 -20.97 -21.46 -12.27
CA LYS C 6 -20.37 -20.76 -13.43
C LYS C 6 -18.86 -20.78 -13.35
N SER C 7 -18.32 -20.54 -12.17
CA SER C 7 -16.88 -20.58 -11.92
C SER C 7 -16.31 -21.99 -11.97
N LEU C 8 -17.08 -22.96 -11.48
CA LEU C 8 -16.70 -24.36 -11.59
C LEU C 8 -16.61 -24.82 -13.05
N GLU C 9 -17.56 -24.39 -13.88
CA GLU C 9 -17.57 -24.81 -15.30
C GLU C 9 -16.37 -24.30 -16.06
N LEU C 10 -15.86 -23.16 -15.61
CA LEU C 10 -14.65 -22.57 -16.15
C LEU C 10 -13.39 -23.33 -15.74
N LEU C 11 -13.36 -23.74 -14.46
CA LEU C 11 -12.32 -24.61 -13.92
C LEU C 11 -12.21 -25.94 -14.65
N LEU C 12 -13.34 -26.51 -15.06
CA LEU C 12 -13.35 -27.85 -15.69
C LEU C 12 -12.83 -27.87 -17.12
N GLN C 13 -12.48 -26.70 -17.66
CA GLN C 13 -11.97 -26.60 -19.02
C GLN C 13 -10.44 -26.72 -19.02
N SER C 14 -9.88 -27.20 -20.13
CA SER C 14 -8.43 -27.09 -20.34
C SER C 14 -8.10 -25.63 -20.58
N MET C 15 -6.97 -25.21 -20.04
CA MET C 15 -6.45 -23.88 -20.29
C MET C 15 -5.61 -23.86 -21.58
N SER C 16 -5.50 -25.04 -22.20
CA SER C 16 -4.68 -25.24 -23.40
C SER C 16 -3.28 -24.60 -23.27
N PRO C 17 -2.50 -25.06 -22.26
CA PRO C 17 -1.20 -24.46 -22.01
C PRO C 17 -0.20 -24.76 -23.12
N GLU C 18 0.77 -23.86 -23.31
CA GLU C 18 1.88 -24.11 -24.22
C GLU C 18 3.16 -23.64 -23.54
N LEU C 19 4.20 -24.46 -23.66
CA LEU C 19 5.51 -24.15 -23.07
C LEU C 19 6.39 -23.42 -24.10
N MET C 20 6.81 -22.20 -23.76
CA MET C 20 7.68 -21.40 -24.64
C MET C 20 9.18 -21.70 -24.44
N ALA C 21 9.99 -21.36 -25.44
CA ALA C 21 11.45 -21.44 -25.35
C ALA C 21 11.99 -20.43 -24.34
N GLY C 22 13.08 -20.80 -23.66
CA GLY C 22 13.81 -19.87 -22.80
C GLY C 22 13.71 -20.08 -21.30
N ASP C 23 14.82 -19.77 -20.63
CA ASP C 23 14.89 -19.69 -19.17
C ASP C 23 14.84 -18.23 -18.79
N TYR C 24 13.96 -17.89 -17.85
CA TYR C 24 13.71 -16.51 -17.47
C TYR C 24 14.03 -16.31 -16.00
N VAL C 25 14.47 -15.11 -15.67
CA VAL C 25 14.76 -14.72 -14.31
C VAL C 25 14.05 -13.41 -14.06
N PHE C 26 13.63 -13.19 -12.81
CA PHE C 26 13.06 -11.91 -12.36
C PHE C 26 14.14 -11.11 -11.64
N CYS C 27 14.24 -9.81 -11.98
CA CYS C 27 15.21 -8.89 -11.38
C CYS C 27 14.54 -7.61 -10.95
N THR C 28 15.13 -6.96 -9.98
CA THR C 28 14.80 -5.58 -9.68
C THR C 28 16.07 -4.75 -9.90
N VAL C 29 15.90 -3.55 -10.43
CA VAL C 29 17.03 -2.68 -10.78
C VAL C 29 16.66 -1.23 -10.47
N ASN C 30 17.68 -0.40 -10.36
CA ASN C 30 17.47 1.04 -10.31
C ASN C 30 17.77 1.66 -11.66
N GLY C 31 17.10 2.78 -11.93
CA GLY C 31 17.26 3.43 -13.23
C GLY C 31 16.01 3.39 -14.07
N ALA C 32 16.05 4.11 -15.18
CA ALA C 32 14.93 4.20 -16.08
C ALA C 32 14.93 2.97 -16.97
N LEU C 33 13.75 2.64 -17.50
CA LEU C 33 13.61 1.55 -18.45
C LEU C 33 14.52 1.73 -19.67
N SER C 34 14.76 2.98 -20.08
CA SER C 34 15.61 3.30 -21.23
C SER C 34 17.04 2.76 -21.11
N ASP C 35 17.51 2.61 -19.87
CA ASP C 35 18.85 2.10 -19.58
C ASP C 35 18.97 0.60 -19.81
N TYR C 36 17.84 -0.08 -19.94
CA TYR C 36 17.80 -1.53 -19.99
C TYR C 36 17.21 -2.12 -21.27
N LEU C 37 16.91 -1.26 -22.24
CA LEU C 37 16.40 -1.69 -23.55
C LEU C 37 17.25 -2.77 -24.20
N SER C 38 18.57 -2.61 -24.13
CA SER C 38 19.54 -3.51 -24.76
C SER C 38 19.44 -4.97 -24.28
N LEU C 39 19.03 -5.15 -23.03
CA LEU C 39 18.82 -6.48 -22.44
C LEU C 39 17.55 -7.16 -22.98
N GLU C 40 16.76 -6.41 -23.76
CA GLU C 40 15.48 -6.87 -24.35
C GLU C 40 14.57 -7.63 -23.41
N PRO C 41 14.12 -6.99 -22.31
CA PRO C 41 13.21 -7.67 -21.39
C PRO C 41 11.91 -8.14 -22.06
N ILE C 42 11.47 -9.35 -21.72
CA ILE C 42 10.17 -9.84 -22.17
C ILE C 42 9.05 -9.12 -21.42
N ALA C 43 9.33 -8.73 -20.17
CA ALA C 43 8.37 -8.06 -19.31
C ALA C 43 9.05 -7.01 -18.46
N THR C 44 8.24 -6.10 -17.95
CA THR C 44 8.69 -4.92 -17.24
C THR C 44 7.60 -4.46 -16.30
N PHE C 45 7.98 -4.15 -15.06
CA PHE C 45 7.06 -3.51 -14.13
C PHE C 45 7.75 -2.47 -13.25
N ARG C 46 7.31 -1.22 -13.36
CA ARG C 46 7.84 -0.17 -12.50
C ARG C 46 7.17 -0.24 -11.15
N GLU C 47 7.79 -0.96 -10.22
CA GLU C 47 7.32 -0.99 -8.84
C GLU C 47 7.86 0.27 -8.15
N PRO C 48 7.16 0.76 -7.11
CA PRO C 48 7.74 1.86 -6.32
C PRO C 48 9.14 1.56 -5.77
N GLU C 49 9.43 0.28 -5.53
CA GLU C 49 10.72 -0.18 -5.02
C GLU C 49 11.80 -0.22 -6.11
N GLY C 50 11.39 -0.06 -7.37
CA GLY C 50 12.31 -0.13 -8.51
C GLY C 50 11.74 -0.90 -9.69
N LEU C 51 12.43 -0.83 -10.83
CA LEU C 51 12.00 -1.48 -12.07
C LEU C 51 12.16 -2.99 -12.00
N THR C 52 11.08 -3.73 -12.20
CA THR C 52 11.15 -5.19 -12.38
C THR C 52 11.48 -5.47 -13.84
N LEU C 53 12.46 -6.33 -14.09
CA LEU C 53 12.77 -6.77 -15.44
C LEU C 53 12.63 -8.28 -15.49
N VAL C 54 11.92 -8.82 -16.49
CA VAL C 54 11.91 -10.27 -16.68
C VAL C 54 12.75 -10.53 -17.91
N LEU C 55 13.83 -11.27 -17.74
CA LEU C 55 14.86 -11.42 -18.77
C LEU C 55 15.20 -12.88 -18.92
N GLU C 56 15.83 -13.22 -20.05
CA GLU C 56 16.44 -14.53 -20.21
C GLU C 56 17.60 -14.69 -19.25
N ALA C 57 17.94 -15.94 -18.94
CA ALA C 57 19.00 -16.23 -17.97
C ALA C 57 20.37 -15.69 -18.41
N GLU C 58 20.75 -15.95 -19.66
CA GLU C 58 22.06 -15.54 -20.17
C GLU C 58 22.18 -14.03 -20.34
N LYS C 59 21.09 -13.38 -20.74
CA LYS C 59 21.06 -11.93 -20.87
C LYS C 59 21.24 -11.19 -19.54
N ALA C 60 20.64 -11.73 -18.48
CA ALA C 60 20.82 -11.17 -17.14
C ALA C 60 22.23 -11.43 -16.64
N GLN C 61 22.70 -12.67 -16.79
CA GLN C 61 24.01 -13.11 -16.30
C GLN C 61 25.14 -12.36 -16.99
N GLN C 62 25.14 -12.39 -18.31
CA GLN C 62 26.11 -11.66 -19.11
C GLN C 62 25.74 -10.16 -19.14
N ALA C 63 25.46 -9.63 -17.95
CA ALA C 63 25.16 -8.23 -17.72
C ALA C 63 25.36 -7.96 -16.23
N GLY C 64 25.82 -8.99 -15.52
CA GLY C 64 26.25 -8.89 -14.12
C GLY C 64 25.15 -8.70 -13.10
N LEU C 65 23.97 -9.24 -13.40
CA LEU C 65 22.81 -9.11 -12.51
C LEU C 65 22.72 -10.28 -11.54
N GLU C 66 22.05 -10.04 -10.41
CA GLU C 66 21.74 -11.07 -9.40
C GLU C 66 20.97 -12.23 -10.04
N SER C 67 21.61 -13.40 -10.14
CA SER C 67 20.97 -14.58 -10.75
C SER C 67 19.81 -15.13 -9.90
N SER C 68 18.58 -14.87 -10.34
CA SER C 68 17.37 -15.42 -9.73
C SER C 68 17.26 -16.93 -10.04
N ALA C 69 16.26 -17.58 -9.44
CA ALA C 69 15.89 -18.95 -9.78
C ALA C 69 15.39 -18.95 -11.22
N LEU C 70 15.67 -20.02 -11.95
CA LEU C 70 15.23 -20.16 -13.34
C LEU C 70 13.75 -20.47 -13.46
N PHE C 71 13.06 -19.71 -14.32
CA PHE C 71 11.65 -19.91 -14.64
C PHE C 71 11.42 -20.39 -16.07
N SER C 72 10.41 -21.24 -16.26
CA SER C 72 9.87 -21.55 -17.58
C SER C 72 8.63 -20.70 -17.86
N LEU C 73 8.38 -20.41 -19.14
CA LEU C 73 7.24 -19.61 -19.54
C LEU C 73 6.16 -20.46 -20.20
N ILE C 74 4.95 -20.38 -19.66
CA ILE C 74 3.82 -21.10 -20.20
C ILE C 74 2.74 -20.07 -20.55
N THR C 75 2.24 -20.16 -21.78
CA THR C 75 1.14 -19.29 -22.21
C THR C 75 -0.15 -20.09 -22.27
N LEU C 76 -1.25 -19.47 -21.88
CA LEU C 76 -2.54 -20.12 -21.95
C LEU C 76 -3.23 -19.69 -23.23
N THR C 77 -3.55 -20.66 -24.08
CA THR C 77 -4.12 -20.31 -25.38
C THR C 77 -5.65 -20.17 -25.40
N VAL C 78 -6.34 -20.55 -24.31
CA VAL C 78 -7.79 -20.31 -24.23
C VAL C 78 -8.13 -18.87 -24.60
N SER C 81 -9.72 -12.42 -22.95
CA SER C 81 -10.36 -11.17 -22.61
C SER C 81 -9.89 -10.64 -21.25
N LEU C 82 -9.54 -9.35 -21.20
CA LEU C 82 -9.07 -8.68 -19.97
C LEU C 82 -10.20 -8.37 -18.99
N GLU C 83 -11.43 -8.38 -19.50
CA GLU C 83 -12.59 -7.97 -18.72
C GLU C 83 -13.52 -9.15 -18.39
N ALA C 84 -13.06 -10.38 -18.65
CA ALA C 84 -13.88 -11.60 -18.42
C ALA C 84 -13.58 -12.38 -17.12
N VAL C 85 -14.30 -12.02 -16.05
CA VAL C 85 -14.21 -12.64 -14.70
C VAL C 85 -14.18 -14.18 -14.66
N GLY C 86 -13.20 -14.71 -13.90
CA GLY C 86 -13.16 -16.14 -13.56
C GLY C 86 -11.94 -16.95 -13.99
N LEU C 87 -11.16 -16.43 -14.96
CA LEU C 87 -10.07 -17.20 -15.56
C LEU C 87 -8.82 -17.29 -14.70
N THR C 88 -8.42 -16.20 -14.05
CA THR C 88 -7.26 -16.21 -13.17
C THR C 88 -7.46 -17.21 -12.01
N ALA C 89 -8.65 -17.21 -11.42
CA ALA C 89 -9.00 -18.17 -10.38
C ALA C 89 -8.86 -19.62 -10.86
N ALA C 90 -9.31 -19.88 -12.09
CA ALA C 90 -9.26 -21.23 -12.66
C ALA C 90 -7.83 -21.74 -12.82
N PHE C 91 -6.98 -21.04 -13.58
CA PHE C 91 -5.62 -21.55 -13.81
C PHE C 91 -4.74 -21.58 -12.55
N ALA C 92 -4.89 -20.55 -11.71
CA ALA C 92 -4.21 -20.45 -10.44
C ALA C 92 -4.62 -21.56 -9.49
N THR C 93 -5.91 -21.90 -9.45
CA THR C 93 -6.37 -23.09 -8.73
C THR C 93 -5.72 -24.41 -9.21
N LYS C 94 -5.60 -24.58 -10.53
CA LYS C 94 -5.05 -25.81 -11.10
C LYS C 94 -3.56 -26.00 -10.75
N LEU C 95 -2.80 -24.91 -10.80
CA LEU C 95 -1.40 -24.95 -10.37
C LEU C 95 -1.24 -25.20 -8.88
N ALA C 96 -1.90 -24.39 -8.05
CA ALA C 96 -1.85 -24.54 -6.59
C ALA C 96 -2.28 -25.93 -6.10
N GLU C 97 -3.32 -26.49 -6.69
CA GLU C 97 -3.75 -27.88 -6.44
C GLU C 97 -2.62 -28.89 -6.46
N HIS C 98 -1.63 -28.62 -7.33
CA HIS C 98 -0.51 -29.51 -7.59
C HIS C 98 0.82 -28.99 -7.02
N GLY C 99 0.71 -28.05 -6.08
CA GLY C 99 1.85 -27.49 -5.38
C GLY C 99 2.80 -26.68 -6.24
N ILE C 100 2.28 -26.00 -7.25
CA ILE C 100 3.11 -25.20 -8.13
C ILE C 100 2.84 -23.73 -7.92
N SER C 101 3.85 -23.02 -7.43
CA SER C 101 3.75 -21.56 -7.38
C SER C 101 4.10 -20.95 -8.74
N ALA C 102 3.47 -19.84 -9.05
CA ALA C 102 3.63 -19.22 -10.34
C ALA C 102 3.68 -17.71 -10.19
N ASN C 103 4.46 -17.07 -11.07
CA ASN C 103 4.37 -15.65 -11.26
C ASN C 103 3.57 -15.39 -12.51
N VAL C 104 2.37 -14.83 -12.37
CA VAL C 104 1.53 -14.55 -13.54
C VAL C 104 1.67 -13.11 -14.05
N ILE C 105 1.81 -12.98 -15.36
CA ILE C 105 1.76 -11.69 -16.04
C ILE C 105 0.65 -11.71 -17.07
N ALA C 106 -0.38 -10.90 -16.83
CA ALA C 106 -1.47 -10.72 -17.78
C ALA C 106 -1.05 -9.83 -18.94
N GLY C 107 -0.99 -10.41 -20.15
CA GLY C 107 -0.74 -9.67 -21.38
C GLY C 107 -2.05 -9.28 -22.01
N TYR C 108 -2.02 -8.45 -23.05
CA TYR C 108 -3.23 -8.03 -23.74
C TYR C 108 -4.07 -9.21 -24.25
N TYR C 109 -3.44 -10.19 -24.89
CA TYR C 109 -4.15 -11.32 -25.48
C TYR C 109 -4.23 -12.55 -24.61
N HIS C 110 -3.14 -12.88 -23.93
CA HIS C 110 -3.10 -14.08 -23.10
C HIS C 110 -2.49 -13.83 -21.73
N ASP C 111 -2.73 -14.77 -20.84
CA ASP C 111 -2.01 -14.84 -19.57
C ASP C 111 -0.76 -15.65 -19.77
N HIS C 112 0.32 -15.17 -19.16
CA HIS C 112 1.62 -15.82 -19.23
C HIS C 112 2.08 -16.23 -17.84
N ILE C 113 2.44 -17.49 -17.72
CA ILE C 113 2.70 -18.05 -16.41
C ILE C 113 4.18 -18.44 -16.33
N PHE C 114 4.85 -17.92 -15.31
CA PHE C 114 6.24 -18.29 -15.04
C PHE C 114 6.29 -19.24 -13.86
N VAL C 115 6.71 -20.47 -14.12
CA VAL C 115 6.86 -21.49 -13.09
C VAL C 115 8.33 -21.89 -12.98
N GLN C 116 8.74 -22.42 -11.83
CA GLN C 116 10.10 -22.95 -11.70
C GLN C 116 10.41 -23.91 -12.82
N LYS C 117 11.59 -23.76 -13.41
CA LYS C 117 11.96 -24.50 -14.60
C LYS C 117 11.78 -25.99 -14.43
N GLU C 118 12.01 -26.46 -13.21
CA GLU C 118 11.97 -27.88 -12.87
C GLU C 118 10.54 -28.40 -12.80
N LYS C 119 9.59 -27.48 -12.65
CA LYS C 119 8.16 -27.82 -12.53
C LYS C 119 7.38 -27.54 -13.82
N ALA C 120 8.09 -27.26 -14.92
CA ALA C 120 7.47 -26.89 -16.19
C ALA C 120 6.54 -27.96 -16.77
N GLN C 121 6.98 -29.21 -16.77
CA GLN C 121 6.16 -30.30 -17.31
C GLN C 121 4.97 -30.62 -16.41
N GLN C 122 5.17 -30.48 -15.11
CA GLN C 122 4.13 -30.75 -14.12
C GLN C 122 3.08 -29.68 -14.22
N ALA C 123 3.50 -28.44 -14.50
CA ALA C 123 2.59 -27.31 -14.71
C ALA C 123 1.75 -27.49 -15.97
N LEU C 124 2.39 -27.90 -17.06
CA LEU C 124 1.70 -28.28 -18.28
C LEU C 124 0.57 -29.29 -18.04
N GLN C 125 0.86 -30.33 -17.25
CA GLN C 125 -0.13 -31.34 -16.88
C GLN C 125 -1.23 -30.84 -15.93
N ALA C 126 -0.89 -29.96 -14.99
CA ALA C 126 -1.87 -29.36 -14.08
C ALA C 126 -2.84 -28.45 -14.81
N LEU C 127 -2.34 -27.71 -15.80
CA LEU C 127 -3.14 -26.79 -16.60
C LEU C 127 -3.90 -27.46 -17.75
N GLY C 128 -3.37 -28.56 -18.26
CA GLY C 128 -4.01 -29.33 -19.34
C GLY C 128 -5.22 -30.11 -18.87
N GLU C 129 -5.84 -30.85 -19.78
CA GLU C 129 -6.98 -31.69 -19.41
C GLU C 129 -6.65 -33.16 -19.61
N PHE C 130 -6.58 -33.60 -20.86
CA PHE C 130 -6.27 -35.00 -21.21
C PHE C 130 -4.76 -35.24 -21.25
N MET D 2 -9.84 28.72 -3.13
CA MET D 2 -9.66 29.60 -1.92
C MET D 2 -9.36 28.84 -0.63
N SER D 3 -9.16 27.52 -0.76
CA SER D 3 -8.83 26.65 0.38
C SER D 3 -7.39 26.88 0.87
N GLY D 4 -6.51 27.29 -0.04
CA GLY D 4 -5.13 27.62 0.27
C GLY D 4 -4.95 28.85 1.14
N ILE D 5 -5.85 29.82 1.05
CA ILE D 5 -5.76 31.04 1.85
C ILE D 5 -6.17 30.77 3.30
N LYS D 6 -7.10 29.85 3.48
CA LYS D 6 -7.54 29.47 4.83
C LYS D 6 -6.45 28.70 5.57
N SER D 7 -5.68 27.91 4.84
CA SER D 7 -4.47 27.25 5.35
C SER D 7 -3.42 28.27 5.81
N LEU D 8 -3.22 29.33 5.03
CA LEU D 8 -2.26 30.38 5.34
C LEU D 8 -2.64 31.06 6.64
N GLU D 9 -3.94 31.33 6.81
CA GLU D 9 -4.46 31.95 8.02
C GLU D 9 -4.24 31.09 9.26
N LEU D 10 -4.20 29.77 9.09
CA LEU D 10 -3.91 28.82 10.15
C LEU D 10 -2.42 28.71 10.49
N LEU D 11 -1.57 28.77 9.46
CA LEU D 11 -0.11 28.82 9.60
C LEU D 11 0.34 30.03 10.41
N LEU D 12 -0.36 31.14 10.24
CA LEU D 12 -0.03 32.41 10.90
C LEU D 12 -0.51 32.48 12.35
N GLN D 13 -0.92 31.34 12.90
CA GLN D 13 -1.42 31.26 14.26
C GLN D 13 -0.58 30.35 15.14
N SER D 14 -0.64 30.58 16.44
CA SER D 14 -0.02 29.70 17.42
C SER D 14 -0.76 28.37 17.46
N MET D 15 -0.02 27.28 17.66
CA MET D 15 -0.63 25.95 17.82
C MET D 15 -0.92 25.66 19.29
N SER D 16 -0.61 26.65 20.13
CA SER D 16 -0.70 26.54 21.60
C SER D 16 -0.07 25.25 22.15
N PRO D 17 1.23 25.03 21.86
CA PRO D 17 1.88 23.78 22.23
C PRO D 17 2.15 23.62 23.72
N GLU D 18 2.19 22.37 24.20
CA GLU D 18 2.59 22.09 25.55
C GLU D 18 3.47 20.87 25.61
N LEU D 19 4.59 20.99 26.30
CA LEU D 19 5.54 19.88 26.44
C LEU D 19 5.09 18.98 27.58
N MET D 20 4.87 17.70 27.25
CA MET D 20 4.49 16.67 28.24
C MET D 20 5.71 16.02 28.90
N ALA D 21 5.49 15.47 30.10
CA ALA D 21 6.51 14.71 30.79
C ALA D 21 6.78 13.41 30.05
N GLY D 22 8.04 12.97 30.10
CA GLY D 22 8.44 11.65 29.63
C GLY D 22 9.29 11.60 28.37
N ASP D 23 10.19 10.62 28.32
CA ASP D 23 10.94 10.32 27.09
C ASP D 23 10.28 9.13 26.44
N TYR D 24 10.02 9.22 25.14
CA TYR D 24 9.27 8.19 24.46
C TYR D 24 10.11 7.55 23.37
N VAL D 25 9.78 6.32 23.04
CA VAL D 25 10.46 5.59 21.98
C VAL D 25 9.43 4.86 21.12
N PHE D 26 9.76 4.66 19.85
CA PHE D 26 8.91 3.90 18.94
C PHE D 26 9.47 2.50 18.81
N CYS D 27 8.57 1.51 18.81
CA CYS D 27 8.97 0.10 18.72
C CYS D 27 8.02 -0.60 17.80
N THR D 28 8.53 -1.63 17.14
CA THR D 28 7.70 -2.58 16.45
C THR D 28 7.91 -3.93 17.14
N VAL D 29 6.81 -4.65 17.38
CA VAL D 29 6.88 -5.95 18.04
C VAL D 29 6.04 -6.99 17.31
N ASN D 30 6.16 -8.25 17.74
CA ASN D 30 5.37 -9.33 17.19
C ASN D 30 4.25 -9.81 18.08
N GLY D 31 3.11 -10.11 17.45
CA GLY D 31 1.98 -10.70 18.15
C GLY D 31 0.99 -9.72 18.74
N ALA D 32 0.22 -10.19 19.72
CA ALA D 32 -0.99 -9.52 20.18
C ALA D 32 -0.68 -8.35 21.11
N LEU D 33 -1.52 -7.32 21.03
CA LEU D 33 -1.47 -6.18 21.94
C LEU D 33 -1.61 -6.65 23.40
N SER D 34 -2.47 -7.65 23.62
CA SER D 34 -2.70 -8.23 24.95
C SER D 34 -1.44 -8.72 25.66
N ASP D 35 -0.44 -9.15 24.89
CA ASP D 35 0.89 -9.51 25.40
C ASP D 35 1.66 -8.34 26.01
N TYR D 36 1.33 -7.12 25.59
CA TYR D 36 2.14 -5.93 25.90
C TYR D 36 1.45 -4.89 26.78
N LEU D 37 0.22 -5.19 27.20
CA LEU D 37 -0.57 -4.30 28.06
C LEU D 37 0.17 -3.81 29.30
N SER D 38 0.95 -4.68 29.93
CA SER D 38 1.68 -4.36 31.16
C SER D 38 2.76 -3.29 30.96
N LEU D 39 3.15 -3.07 29.70
CA LEU D 39 4.09 -2.00 29.36
C LEU D 39 3.44 -0.62 29.35
N GLU D 40 2.10 -0.60 29.34
CA GLU D 40 1.28 0.63 29.35
C GLU D 40 1.65 1.62 28.25
N PRO D 41 1.59 1.20 26.98
CA PRO D 41 1.97 2.07 25.88
C PRO D 41 1.04 3.27 25.76
N ILE D 42 1.61 4.46 25.49
CA ILE D 42 0.80 5.66 25.33
C ILE D 42 0.06 5.61 24.00
N ALA D 43 0.66 4.92 23.03
CA ALA D 43 0.07 4.77 21.71
C ALA D 43 0.31 3.37 21.14
N THR D 44 -0.55 2.99 20.21
CA THR D 44 -0.52 1.67 19.58
C THR D 44 -0.90 1.81 18.11
N PHE D 45 -0.19 1.11 17.22
CA PHE D 45 -0.69 0.98 15.86
C PHE D 45 -0.44 -0.41 15.32
N ARG D 46 -1.52 -1.06 14.89
CA ARG D 46 -1.40 -2.34 14.22
C ARG D 46 -1.10 -2.15 12.73
N GLU D 47 0.18 -2.24 12.39
CA GLU D 47 0.63 -2.21 11.01
C GLU D 47 0.67 -3.67 10.51
N PRO D 48 0.43 -3.88 9.20
CA PRO D 48 0.70 -5.17 8.56
C PRO D 48 2.07 -5.81 8.94
N GLU D 49 3.09 -4.96 9.08
CA GLU D 49 4.44 -5.38 9.43
C GLU D 49 4.61 -5.66 10.93
N GLY D 50 3.54 -5.53 11.72
CA GLY D 50 3.60 -5.75 13.17
C GLY D 50 3.05 -4.60 14.00
N LEU D 51 2.96 -4.82 15.31
CA LEU D 51 2.40 -3.85 16.24
C LEU D 51 3.41 -2.77 16.60
N THR D 52 3.05 -1.53 16.31
CA THR D 52 3.83 -0.37 16.79
C THR D 52 3.42 -0.05 18.21
N LEU D 53 4.41 0.08 19.11
CA LEU D 53 4.16 0.56 20.46
C LEU D 53 4.93 1.84 20.66
N VAL D 54 4.29 2.84 21.25
CA VAL D 54 4.99 4.04 21.70
C VAL D 54 4.99 3.99 23.22
N LEU D 55 6.19 3.98 23.78
CA LEU D 55 6.42 3.63 25.17
C LEU D 55 7.38 4.60 25.79
N GLU D 56 7.24 4.81 27.10
CA GLU D 56 8.25 5.47 27.92
C GLU D 56 9.60 4.79 27.70
N ALA D 57 10.67 5.57 27.69
CA ALA D 57 12.01 5.07 27.35
C ALA D 57 12.44 3.86 28.18
N GLU D 58 12.34 3.97 29.50
CA GLU D 58 12.80 2.89 30.39
C GLU D 58 11.80 1.78 30.67
N LYS D 59 10.54 1.98 30.28
CA LYS D 59 9.55 0.90 30.27
C LYS D 59 9.86 -0.06 29.13
N ALA D 60 10.35 0.50 28.03
CA ALA D 60 10.72 -0.27 26.85
C ALA D 60 12.08 -0.90 27.05
N GLN D 61 12.97 -0.14 27.67
CA GLN D 61 14.36 -0.55 27.82
C GLN D 61 14.49 -1.81 28.68
N GLN D 62 13.87 -1.81 29.86
CA GLN D 62 13.87 -3.03 30.68
C GLN D 62 12.65 -3.94 30.48
N ALA D 63 12.13 -3.94 29.26
CA ALA D 63 11.27 -5.00 28.78
C ALA D 63 12.07 -5.70 27.69
N GLY D 64 13.30 -5.24 27.52
CA GLY D 64 14.27 -5.87 26.61
C GLY D 64 14.20 -5.43 25.17
N LEU D 65 13.23 -4.56 24.87
CA LEU D 65 13.12 -3.95 23.54
C LEU D 65 14.26 -2.94 23.43
N GLU D 66 15.03 -3.04 22.34
CA GLU D 66 16.36 -2.43 22.26
C GLU D 66 16.35 -0.95 21.84
N SER D 67 17.23 -0.17 22.48
CA SER D 67 17.35 1.30 22.31
C SER D 67 16.81 1.89 21.00
N SER D 68 15.80 2.75 21.13
CA SER D 68 15.34 3.60 20.03
C SER D 68 15.89 5.01 20.28
N ALA D 69 15.67 5.94 19.34
CA ALA D 69 15.99 7.35 19.55
C ALA D 69 14.94 7.92 20.49
N LEU D 70 15.34 8.85 21.35
CA LEU D 70 14.45 9.44 22.34
C LEU D 70 13.57 10.57 21.77
N PHE D 71 12.29 10.53 22.14
CA PHE D 71 11.29 11.50 21.71
C PHE D 71 10.63 12.26 22.86
N SER D 72 10.37 13.55 22.61
CA SER D 72 9.56 14.35 23.51
C SER D 72 8.16 14.45 22.93
N LEU D 73 7.17 14.60 23.81
CA LEU D 73 5.78 14.67 23.39
C LEU D 73 5.21 16.07 23.60
N ILE D 74 4.66 16.62 22.52
CA ILE D 74 4.05 17.93 22.49
C ILE D 74 2.59 17.77 22.06
N THR D 75 1.68 18.30 22.88
CA THR D 75 0.29 18.33 22.51
C THR D 75 -0.08 19.73 22.04
N LEU D 76 -0.94 19.81 21.03
CA LEU D 76 -1.45 21.08 20.57
C LEU D 76 -2.78 21.32 21.23
N THR D 77 -2.87 22.38 22.02
CA THR D 77 -4.11 22.72 22.73
C THR D 77 -5.08 23.55 21.89
N VAL D 78 -4.59 24.04 20.73
CA VAL D 78 -5.44 24.75 19.77
C VAL D 78 -6.74 23.96 19.48
N HIS D 79 -7.83 24.72 19.37
CA HIS D 79 -9.19 24.21 19.22
C HIS D 79 -9.45 23.71 17.80
N SER D 80 -9.76 22.41 17.69
CA SER D 80 -9.99 21.76 16.39
C SER D 80 -10.67 20.38 16.50
N SER D 81 -11.20 19.91 15.37
CA SER D 81 -11.84 18.59 15.28
C SER D 81 -11.07 17.66 14.30
N LEU D 82 -11.63 16.47 14.08
CA LEU D 82 -11.07 15.46 13.15
C LEU D 82 -11.39 15.76 11.66
N GLU D 83 -12.03 16.90 11.40
CA GLU D 83 -12.22 17.38 10.02
C GLU D 83 -12.06 18.92 9.91
N ALA D 84 -10.93 19.42 10.40
CA ALA D 84 -10.54 20.81 10.17
C ALA D 84 -9.41 20.83 9.13
N VAL D 85 -9.71 21.36 7.95
CA VAL D 85 -8.74 21.34 6.85
C VAL D 85 -7.71 22.48 7.00
N GLY D 86 -6.44 22.10 6.96
CA GLY D 86 -5.33 23.05 7.09
C GLY D 86 -4.48 22.90 8.34
N LEU D 87 -5.02 22.24 9.37
CA LEU D 87 -4.35 22.15 10.66
C LEU D 87 -3.05 21.33 10.65
N THR D 88 -3.08 20.15 10.02
CA THR D 88 -1.89 19.30 9.94
C THR D 88 -0.82 19.98 9.11
N ALA D 89 -1.23 20.58 7.98
CA ALA D 89 -0.34 21.34 7.14
C ALA D 89 0.32 22.50 7.91
N ALA D 90 -0.49 23.22 8.70
CA ALA D 90 -0.01 24.35 9.53
C ALA D 90 1.07 23.96 10.51
N PHE D 91 0.80 23.00 11.40
CA PHE D 91 1.80 22.60 12.39
C PHE D 91 3.01 21.88 11.80
N ALA D 92 2.78 21.01 10.82
CA ALA D 92 3.85 20.32 10.10
C ALA D 92 4.77 21.30 9.38
N THR D 93 4.20 22.34 8.78
CA THR D 93 4.97 23.41 8.13
C THR D 93 5.80 24.23 9.12
N LYS D 94 5.22 24.60 10.27
CA LYS D 94 5.94 25.37 11.28
C LYS D 94 7.17 24.63 11.78
N LEU D 95 7.02 23.32 11.95
CA LEU D 95 8.11 22.45 12.36
C LEU D 95 9.18 22.28 11.27
N ALA D 96 8.75 22.02 10.03
CA ALA D 96 9.68 21.86 8.91
C ALA D 96 10.51 23.11 8.65
N GLU D 97 9.91 24.28 8.83
CA GLU D 97 10.63 25.55 8.67
C GLU D 97 11.83 25.70 9.59
N HIS D 98 11.84 24.94 10.69
CA HIS D 98 12.97 24.94 11.62
C HIS D 98 13.80 23.67 11.60
N GLY D 99 13.56 22.85 10.57
CA GLY D 99 14.32 21.62 10.36
C GLY D 99 14.00 20.54 11.35
N ILE D 100 12.76 20.50 11.81
CA ILE D 100 12.29 19.53 12.80
C ILE D 100 11.33 18.51 12.20
N SER D 101 11.70 17.23 12.25
CA SER D 101 10.80 16.18 11.83
C SER D 101 9.82 15.78 12.92
N ALA D 102 8.57 15.59 12.53
CA ALA D 102 7.49 15.30 13.46
C ALA D 102 6.89 13.93 13.19
N ASN D 103 6.70 13.17 14.27
CA ASN D 103 5.88 11.98 14.24
C ASN D 103 4.58 12.28 14.92
N VAL D 104 3.56 12.50 14.10
CA VAL D 104 2.26 12.99 14.52
C VAL D 104 1.37 11.81 14.88
N ILE D 105 0.73 11.85 16.05
CA ILE D 105 -0.42 10.97 16.29
C ILE D 105 -1.66 11.80 16.58
N ALA D 106 -2.65 11.73 15.70
CA ALA D 106 -3.94 12.40 15.90
C ALA D 106 -4.74 11.63 16.96
N GLY D 107 -5.06 12.31 18.06
CA GLY D 107 -5.94 11.75 19.08
C GLY D 107 -7.34 12.22 18.79
N TYR D 108 -8.32 11.71 19.53
CA TYR D 108 -9.69 12.16 19.37
C TYR D 108 -9.85 13.67 19.62
N TYR D 109 -9.22 14.17 20.69
CA TYR D 109 -9.28 15.58 21.09
C TYR D 109 -8.19 16.46 20.51
N HIS D 110 -6.94 16.01 20.57
CA HIS D 110 -5.84 16.86 20.10
C HIS D 110 -4.84 16.08 19.27
N ASP D 111 -4.05 16.82 18.49
CA ASP D 111 -2.88 16.24 17.85
C ASP D 111 -1.73 16.18 18.83
N HIS D 112 -0.98 15.09 18.76
CA HIS D 112 0.17 14.87 19.61
C HIS D 112 1.37 14.65 18.70
N ILE D 113 2.46 15.35 19.00
CA ILE D 113 3.61 15.35 18.12
C ILE D 113 4.81 14.82 18.90
N PHE D 114 5.46 13.81 18.35
CA PHE D 114 6.72 13.30 18.90
C PHE D 114 7.87 13.87 18.09
N VAL D 115 8.68 14.70 18.74
CA VAL D 115 9.90 15.22 18.12
C VAL D 115 11.11 14.65 18.87
N GLN D 116 12.27 14.65 18.21
CA GLN D 116 13.52 14.28 18.87
C GLN D 116 13.66 15.06 20.15
N LYS D 117 14.12 14.38 21.19
CA LYS D 117 14.21 14.97 22.52
C LYS D 117 15.03 16.25 22.54
N GLU D 118 16.15 16.26 21.79
CA GLU D 118 17.06 17.41 21.74
C GLU D 118 16.44 18.64 21.11
N LYS D 119 15.40 18.43 20.29
CA LYS D 119 14.73 19.49 19.58
C LYS D 119 13.41 19.93 20.21
N ALA D 120 13.17 19.49 21.45
CA ALA D 120 11.91 19.75 22.15
C ALA D 120 11.62 21.24 22.43
N GLN D 121 12.61 21.99 22.89
CA GLN D 121 12.40 23.41 23.13
C GLN D 121 12.24 24.19 21.83
N GLN D 122 12.97 23.81 20.78
CA GLN D 122 12.86 24.45 19.46
C GLN D 122 11.51 24.19 18.81
N ALA D 123 10.96 22.99 19.03
CA ALA D 123 9.65 22.62 18.52
C ALA D 123 8.54 23.45 19.19
N LEU D 124 8.62 23.63 20.51
CA LEU D 124 7.77 24.57 21.23
C LEU D 124 7.79 25.97 20.65
N GLN D 125 9.00 26.48 20.39
CA GLN D 125 9.19 27.79 19.78
C GLN D 125 8.54 27.89 18.40
N ALA D 126 8.85 26.95 17.51
CA ALA D 126 8.24 26.88 16.19
C ALA D 126 6.71 26.83 16.27
N LEU D 127 6.18 25.93 17.09
CA LEU D 127 4.74 25.70 17.19
C LEU D 127 3.96 26.83 17.84
N GLY D 128 4.65 27.60 18.67
CA GLY D 128 4.01 28.69 19.43
C GLY D 128 4.02 30.04 18.74
N GLU D 129 4.53 30.09 17.51
CA GLU D 129 4.62 31.34 16.73
C GLU D 129 3.26 31.84 16.26
N PHE D 130 3.01 33.14 16.45
CA PHE D 130 1.78 33.80 16.00
C PHE D 130 2.03 35.17 15.34
N ALA D 131 1.13 35.55 14.44
CA ALA D 131 1.14 36.85 13.73
C ALA D 131 0.64 38.05 14.56
N GLN D 132 -0.56 37.95 15.14
CA GLN D 132 -1.16 39.11 15.84
C GLN D 132 -0.88 39.15 17.36
#